data_5M5E
#
_entry.id   5M5E
#
_cell.length_a   127.965
_cell.length_b   127.965
_cell.length_c   135.073
_cell.angle_alpha   90.00
_cell.angle_beta   90.00
_cell.angle_gamma   120.00
#
_symmetry.space_group_name_H-M   'P 61'
#
loop_
_entity.id
_entity.type
_entity.pdbx_description
1 polymer 'Interleukin-2 receptor subunit beta'
2 polymer 'Cytokine receptor common subunit gamma'
3 polymer Interleukin-2
4 branched 2-acetamido-2-deoxy-beta-D-glucopyranose-(1-4)-[alpha-L-fucopyranose-(1-6)]2-acetamido-2-deoxy-beta-D-glucopyranose
5 branched 2-acetamido-2-deoxy-beta-D-glucopyranose-(1-4)-2-acetamido-2-deoxy-beta-D-glucopyranose
6 branched alpha-L-fucopyranose-(1-6)-2-acetamido-2-deoxy-beta-D-glucopyranose
7 non-polymer alpha-D-mannopyranose
8 non-polymer 'SULFATE ION'
9 non-polymer CYSTEINE
10 non-polymer 2-acetamido-2-deoxy-beta-D-glucopyranose
11 water water
#
loop_
_entity_poly.entity_id
_entity_poly.type
_entity_poly.pdbx_seq_one_letter_code
_entity_poly.pdbx_strand_id
1 'polypeptide(L)'
;AVNGTSQFTCFYNSRANISCVWSQDGALQDTSCQVHAWPDRRRWNQTCELLPVSQASWACNLILGAPDSQKLTTVDIVTL
RVLCREGVRWRVMAIQDFKPFENLRLMAPISLQVVHVETHRCNISWEISQASHYFERHLEFEARTLSPGHTWEEAPLLTL
KQKQEWICLETLTPDTQYEFQVRVKPLQGEFTTWSPWSQPLAFRTKPAALGKDTGAQDKTHTCPPCPAPELLG
;
B
2 'polypeptide(L)'
;LNTTILTPNGNEDTTADFFLTTMPTDSLSVSTLPLPEVQCFVFNVEYMNCTWNSSSEPQPTNLTLHYWYKNSDNDKVQKC
SHYLFSEEITSGCQLQKKEIHLYQTFVVQLQDPREPRRQATQMLKLQNLVIPWAPENLTLHKLSESQLELNWNNRFLNHC
LEHLVQYRTDWDHSWTEQSVDYRHKFSLPSVDGQKRYTFRVRSRFNPLCGSAQHWSEWSHPIHWGSNTSKENPFLFALEA
GAQDKTHTCPPCPAPELLG
;
C
3 'polypeptide(L)'
;MGWSCIILFLVATATGVHSAPASSSTKKTQLQLEHLLLDLQMILNGINNYKNPKLTRMLTAKFAMPKKATELKHLQCLEE
ELKPLEEVLNGAQSKNFHLRPRDLISNINVIVLELKGSETTFMCEYADETATIVEFLNRWITFAQSIISTLTVDHHHHHH
;
D
#
loop_
_chem_comp.id
_chem_comp.type
_chem_comp.name
_chem_comp.formula
FUC L-saccharide, alpha linking alpha-L-fucopyranose 'C6 H12 O5'
MAN D-saccharide, alpha linking alpha-D-mannopyranose 'C6 H12 O6'
NAG D-saccharide, beta linking 2-acetamido-2-deoxy-beta-D-glucopyranose 'C8 H15 N O6'
SO4 non-polymer 'SULFATE ION' 'O4 S -2'
#
# COMPACT_ATOMS: atom_id res chain seq x y z
N SER A 6 31.92 -13.91 14.38
CA SER A 6 31.66 -12.74 15.29
C SER A 6 30.77 -11.72 14.57
N GLN A 7 29.56 -11.49 15.09
CA GLN A 7 28.47 -10.94 14.29
C GLN A 7 27.53 -10.03 15.11
N PHE A 8 27.02 -9.02 14.43
CA PHE A 8 26.19 -7.98 15.07
C PHE A 8 24.94 -7.78 14.23
N THR A 9 23.81 -8.21 14.76
CA THR A 9 22.58 -8.38 13.98
C THR A 9 21.37 -7.74 14.65
N CYS A 10 20.75 -6.80 13.94
CA CYS A 10 19.63 -6.04 14.47
C CYS A 10 18.42 -6.11 13.53
N PHE A 11 17.23 -5.99 14.11
CA PHE A 11 15.99 -5.97 13.36
C PHE A 11 15.06 -4.91 13.93
N TYR A 12 14.26 -4.33 13.03
CA TYR A 12 13.34 -3.26 13.34
C TYR A 12 11.91 -3.81 13.24
N ASN A 13 11.05 -3.54 14.22
CA ASN A 13 9.66 -4.05 14.16
C ASN A 13 8.73 -3.24 13.27
N SER A 14 9.27 -2.19 12.65
CA SER A 14 8.58 -1.33 11.69
C SER A 14 7.94 -0.12 12.36
N ARG A 15 8.07 -0.01 13.69
CA ARG A 15 7.50 1.11 14.42
C ARG A 15 8.52 1.82 15.29
N ALA A 16 8.78 1.30 16.49
CA ALA A 16 9.59 2.00 17.48
C ALA A 16 10.50 1.09 18.33
N ASN A 17 10.87 -0.05 17.77
CA ASN A 17 11.67 -1.07 18.45
C ASN A 17 12.71 -1.64 17.49
N ILE A 18 13.97 -1.41 17.81
CA ILE A 18 15.09 -2.10 17.17
C ILE A 18 15.75 -3.04 18.17
N SER A 19 15.83 -4.31 17.85
CA SER A 19 16.40 -5.30 18.75
C SER A 19 17.69 -5.83 18.17
N CYS A 20 18.73 -5.88 18.99
CA CYS A 20 20.06 -6.22 18.55
C CYS A 20 20.61 -7.46 19.29
N VAL A 21 21.33 -8.30 18.55
CA VAL A 21 22.09 -9.43 19.08
C VAL A 21 23.57 -9.28 18.68
N TRP A 22 24.46 -9.43 19.64
CA TRP A 22 25.90 -9.41 19.38
C TRP A 22 26.47 -10.75 19.82
N SER A 23 27.06 -11.47 18.88
CA SER A 23 27.69 -12.77 19.13
C SER A 23 29.18 -12.61 19.05
N GLN A 24 29.89 -12.97 20.11
CA GLN A 24 31.35 -13.01 20.06
C GLN A 24 31.90 -14.42 19.72
N ASP A 25 32.94 -14.46 18.89
CA ASP A 25 33.63 -15.71 18.55
C ASP A 25 35.05 -15.60 19.09
N GLY A 26 35.21 -15.92 20.37
CA GLY A 26 36.51 -15.89 21.02
C GLY A 26 36.40 -15.34 22.42
N ALA A 27 37.26 -14.37 22.74
CA ALA A 27 37.35 -13.83 24.10
C ALA A 27 36.03 -13.14 24.48
N LEU A 28 35.41 -13.62 25.56
CA LEU A 28 34.11 -13.13 26.01
C LEU A 28 34.34 -11.86 26.89
N GLN A 29 33.54 -10.82 26.64
CA GLN A 29 33.61 -9.62 27.46
C GLN A 29 33.04 -9.95 28.83
N ASP A 30 33.58 -9.28 29.83
CA ASP A 30 33.02 -9.35 31.16
C ASP A 30 32.70 -7.96 31.72
N THR A 31 32.85 -6.92 30.91
CA THR A 31 32.52 -5.58 31.31
C THR A 31 31.24 -5.18 30.57
N SER A 32 30.75 -4.00 30.92
CA SER A 32 29.54 -3.44 30.37
C SER A 32 29.67 -3.15 28.88
N CYS A 33 28.70 -3.63 28.11
CA CYS A 33 28.57 -3.28 26.71
C CYS A 33 27.18 -2.76 26.44
N GLN A 34 27.12 -1.79 25.53
CA GLN A 34 25.86 -1.18 25.09
C GLN A 34 25.79 -1.07 23.59
N VAL A 35 24.57 -1.05 23.08
CA VAL A 35 24.31 -0.61 21.74
C VAL A 35 23.95 0.87 21.78
N HIS A 36 24.61 1.63 20.92
CA HIS A 36 24.35 3.05 20.74
C HIS A 36 23.79 3.25 19.33
N ALA A 37 22.62 3.91 19.28
CA ALA A 37 21.92 4.26 18.02
C ALA A 37 22.07 5.74 17.76
N TRP A 38 22.58 6.06 16.58
CA TRP A 38 22.93 7.41 16.22
C TRP A 38 22.31 7.65 14.83
N PRO A 39 21.03 8.08 14.77
CA PRO A 39 20.37 8.33 13.47
C PRO A 39 20.95 9.53 12.71
N ASP A 40 21.07 9.40 11.40
CA ASP A 40 21.72 10.45 10.60
C ASP A 40 20.87 11.71 10.41
N ARG A 41 19.57 11.63 10.65
CA ARG A 41 18.69 12.78 10.40
C ARG A 41 17.56 12.91 11.43
N ARG A 42 17.85 12.58 12.68
CA ARG A 42 16.90 12.78 13.79
C ARG A 42 17.67 13.41 14.92
N ARG A 43 16.97 14.06 15.83
CA ARG A 43 17.60 14.83 16.91
C ARG A 43 17.96 14.06 18.15
N TRP A 44 17.60 12.79 18.21
CA TRP A 44 17.87 11.92 19.37
C TRP A 44 18.94 10.86 19.06
N ASN A 45 19.60 10.38 20.10
CA ASN A 45 20.37 9.15 20.08
C ASN A 45 19.67 8.26 21.08
N GLN A 46 19.94 6.96 21.05
CA GLN A 46 19.39 6.05 22.04
C GLN A 46 20.40 4.93 22.34
N THR A 47 20.31 4.36 23.54
CA THR A 47 21.19 3.25 23.95
C THR A 47 20.41 2.17 24.64
N CYS A 48 20.96 0.96 24.68
CA CYS A 48 20.47 -0.08 25.55
C CYS A 48 21.65 -0.88 26.08
N GLU A 49 21.50 -1.44 27.27
CA GLU A 49 22.52 -2.25 27.92
C GLU A 49 22.40 -3.70 27.43
N LEU A 50 23.48 -4.23 26.85
CA LEU A 50 23.53 -5.60 26.38
C LEU A 50 23.61 -6.58 27.56
N LEU A 51 22.66 -7.50 27.61
CA LEU A 51 22.63 -8.60 28.55
C LEU A 51 22.82 -9.97 27.87
N PRO A 52 23.52 -10.91 28.54
CA PRO A 52 23.66 -12.26 27.98
C PRO A 52 22.33 -12.92 27.68
N VAL A 53 22.22 -13.61 26.55
CA VAL A 53 21.00 -14.43 26.26
C VAL A 53 21.27 -15.93 26.06
N SER A 54 22.46 -16.27 25.54
CA SER A 54 22.81 -17.64 25.19
C SER A 54 24.24 -17.87 25.73
N GLN A 55 24.95 -18.85 25.16
CA GLN A 55 26.30 -19.17 25.59
C GLN A 55 27.34 -18.10 25.21
N ALA A 56 27.26 -17.55 23.99
CA ALA A 56 28.19 -16.47 23.58
C ALA A 56 27.55 -15.17 22.99
N SER A 57 26.21 -15.07 23.05
CA SER A 57 25.48 -13.92 22.51
C SER A 57 24.91 -12.96 23.56
N TRP A 58 24.88 -11.67 23.19
CA TRP A 58 24.32 -10.58 24.02
C TRP A 58 23.13 -9.95 23.27
N ALA A 59 22.15 -9.40 24.00
CA ALA A 59 21.02 -8.74 23.37
C ALA A 59 20.46 -7.55 24.15
N CYS A 60 19.84 -6.61 23.46
CA CYS A 60 19.00 -5.57 24.06
C CYS A 60 18.14 -4.84 23.02
N ASN A 61 17.16 -4.10 23.51
CA ASN A 61 16.19 -3.43 22.66
C ASN A 61 16.29 -1.93 22.80
N LEU A 62 16.28 -1.25 21.65
CA LEU A 62 16.25 0.20 21.57
C LEU A 62 14.79 0.55 21.35
N ILE A 63 14.18 1.10 22.40
CA ILE A 63 12.78 1.55 22.38
C ILE A 63 12.81 3.03 22.06
N LEU A 64 12.26 3.39 20.90
CA LEU A 64 12.39 4.72 20.34
C LEU A 64 11.16 5.57 20.65
N GLY A 65 10.14 4.98 21.27
CA GLY A 65 8.86 5.64 21.51
C GLY A 65 7.75 4.66 21.86
N ALA A 66 6.52 5.12 21.78
CA ALA A 66 5.39 4.30 22.15
C ALA A 66 5.24 3.15 21.15
N PRO A 67 4.60 2.04 21.59
CA PRO A 67 4.58 0.78 20.83
C PRO A 67 4.18 0.85 19.36
N ASP A 68 3.21 1.72 19.05
CA ASP A 68 2.67 1.79 17.70
C ASP A 68 3.03 3.12 16.99
N SER A 69 4.05 3.81 17.47
CA SER A 69 4.48 5.07 16.88
C SER A 69 5.52 4.80 15.80
N GLN A 70 5.46 5.57 14.72
CA GLN A 70 6.35 5.45 13.59
C GLN A 70 7.54 6.36 13.79
N LYS A 71 8.62 5.81 14.34
CA LYS A 71 9.83 6.60 14.62
C LYS A 71 10.90 6.60 13.55
N LEU A 72 10.80 5.70 12.56
CA LEU A 72 11.74 5.75 11.47
C LEU A 72 11.03 5.55 10.15
N THR A 73 11.74 5.87 9.08
CA THR A 73 11.23 5.77 7.74
C THR A 73 12.25 5.05 6.91
N THR A 74 11.87 4.79 5.68
CA THR A 74 12.73 4.12 4.74
C THR A 74 13.96 4.95 4.29
N VAL A 75 13.98 6.25 4.56
CA VAL A 75 15.15 7.08 4.25
C VAL A 75 16.12 7.26 5.42
N ASP A 76 15.73 6.86 6.62
CA ASP A 76 16.62 6.94 7.78
C ASP A 76 17.77 5.95 7.68
N ILE A 77 18.97 6.39 8.08
CA ILE A 77 20.11 5.50 8.27
C ILE A 77 20.65 5.69 9.69
N VAL A 78 20.72 4.60 10.46
CA VAL A 78 21.11 4.70 11.87
C VAL A 78 22.46 4.04 12.04
N THR A 79 23.44 4.79 12.51
CA THR A 79 24.72 4.19 12.84
C THR A 79 24.48 3.47 14.18
N LEU A 80 24.54 2.14 14.14
CA LEU A 80 24.52 1.29 15.33
C LEU A 80 25.95 0.83 15.70
N ARG A 81 26.32 1.01 16.96
CA ARG A 81 27.65 0.60 17.47
C ARG A 81 27.51 -0.16 18.79
N VAL A 82 28.37 -1.17 18.98
CA VAL A 82 28.51 -1.80 20.27
C VAL A 82 29.66 -1.09 20.94
N LEU A 83 29.44 -0.60 22.15
CA LEU A 83 30.49 0.08 22.90
C LEU A 83 30.69 -0.72 24.17
N CYS A 84 31.93 -1.13 24.43
CA CYS A 84 32.24 -1.89 25.66
C CYS A 84 33.21 -1.11 26.48
N ARG A 85 33.11 -1.29 27.79
CA ARG A 85 33.89 -0.50 28.72
C ARG A 85 35.23 -1.14 28.95
N GLU A 86 36.31 -0.44 28.62
CA GLU A 86 37.66 -0.88 29.01
C GLU A 86 38.21 0.20 29.91
N GLY A 87 38.48 -0.16 31.16
CA GLY A 87 38.83 0.82 32.20
C GLY A 87 37.75 1.88 32.30
N VAL A 88 38.12 3.10 31.95
CA VAL A 88 37.24 4.25 32.00
C VAL A 88 36.74 4.67 30.58
N ARG A 89 37.27 4.06 29.53
CA ARG A 89 37.01 4.47 28.14
C ARG A 89 35.93 3.56 27.55
N TRP A 90 35.18 4.04 26.55
CA TRP A 90 34.23 3.20 25.80
C TRP A 90 34.86 2.83 24.47
N ARG A 91 34.96 1.54 24.18
CA ARG A 91 35.55 1.07 22.92
C ARG A 91 34.47 0.65 21.93
N VAL A 92 34.61 1.11 20.69
CA VAL A 92 33.70 0.70 19.65
C VAL A 92 34.08 -0.71 19.17
N MET A 93 33.27 -1.72 19.50
CA MET A 93 33.58 -3.11 19.20
C MET A 93 32.97 -3.65 17.92
N ALA A 94 31.94 -2.96 17.43
CA ALA A 94 31.22 -3.32 16.21
C ALA A 94 30.44 -2.09 15.70
N ILE A 95 30.19 -2.04 14.40
CA ILE A 95 29.54 -0.92 13.77
C ILE A 95 28.76 -1.35 12.52
N GLN A 96 27.55 -0.87 12.35
CA GLN A 96 26.85 -0.99 11.08
C GLN A 96 26.03 0.28 10.75
N ASP A 97 25.86 0.50 9.45
CA ASP A 97 24.95 1.50 8.91
C ASP A 97 23.60 0.80 8.71
N PHE A 98 22.69 1.03 9.64
CA PHE A 98 21.47 0.27 9.71
C PHE A 98 20.36 0.99 8.95
N LYS A 99 19.88 0.35 7.90
CA LYS A 99 18.74 0.82 7.15
C LYS A 99 17.49 0.10 7.65
N PRO A 100 16.66 0.79 8.47
CA PRO A 100 15.58 0.12 9.23
C PRO A 100 14.61 -0.66 8.37
N PHE A 101 14.20 -0.12 7.24
CA PHE A 101 13.30 -0.87 6.34
C PHE A 101 14.00 -1.89 5.43
N GLU A 102 15.30 -2.07 5.58
CA GLU A 102 16.01 -3.19 4.98
C GLU A 102 16.19 -4.38 5.95
N ASN A 103 15.85 -4.19 7.21
CA ASN A 103 16.10 -5.16 8.29
C ASN A 103 14.85 -5.36 9.15
N LEU A 104 13.73 -5.70 8.52
CA LEU A 104 12.45 -5.80 9.24
C LEU A 104 12.21 -7.21 9.80
N ARG A 105 11.70 -7.25 11.01
CA ARG A 105 11.17 -8.44 11.61
C ARG A 105 10.03 -8.00 12.50
N LEU A 106 8.80 -8.31 12.09
CA LEU A 106 7.65 -7.86 12.80
C LEU A 106 7.39 -8.66 14.07
N MET A 107 6.49 -8.13 14.89
CA MET A 107 5.97 -8.86 16.03
C MET A 107 5.15 -10.05 15.50
N ALA A 108 5.15 -11.13 16.25
CA ALA A 108 4.33 -12.26 15.92
C ALA A 108 2.86 -11.85 15.90
N PRO A 109 2.07 -12.41 14.99
CA PRO A 109 0.62 -12.13 15.02
C PRO A 109 -0.01 -12.47 16.37
N ILE A 110 -1.12 -11.79 16.67
CA ILE A 110 -1.81 -11.91 17.95
C ILE A 110 -3.31 -12.08 17.78
N SER A 111 -4.02 -12.24 18.90
CA SER A 111 -5.47 -12.34 18.93
C SER A 111 -5.97 -13.46 18.05
N LEU A 112 -5.26 -14.59 18.07
CA LEU A 112 -5.74 -15.76 17.37
C LEU A 112 -7.06 -16.22 17.98
N GLN A 113 -8.04 -16.53 17.15
CA GLN A 113 -9.30 -17.09 17.62
C GLN A 113 -9.95 -17.98 16.60
N VAL A 114 -10.70 -18.97 17.09
CA VAL A 114 -11.56 -19.79 16.26
C VAL A 114 -12.78 -18.93 15.85
N VAL A 115 -12.98 -18.82 14.54
CA VAL A 115 -14.14 -18.12 13.98
C VAL A 115 -15.35 -19.06 13.90
N HIS A 116 -15.14 -20.23 13.32
CA HIS A 116 -16.16 -21.25 13.22
C HIS A 116 -15.44 -22.58 13.10
N VAL A 117 -15.87 -23.59 13.86
CA VAL A 117 -15.28 -24.92 13.80
C VAL A 117 -16.35 -25.98 13.51
N GLU A 118 -16.01 -26.92 12.62
CA GLU A 118 -16.90 -27.97 12.16
C GLU A 118 -16.27 -29.31 12.51
N THR A 119 -16.71 -30.38 11.85
CA THR A 119 -16.13 -31.69 12.09
C THR A 119 -14.83 -31.90 11.33
N HIS A 120 -14.76 -31.39 10.09
CA HIS A 120 -13.56 -31.53 9.24
C HIS A 120 -12.88 -30.20 8.90
N ARG A 121 -13.38 -29.08 9.44
CA ARG A 121 -12.91 -27.76 9.05
C ARG A 121 -12.82 -26.82 10.25
N CYS A 122 -11.98 -25.80 10.12
CA CYS A 122 -11.91 -24.74 11.10
C CYS A 122 -11.43 -23.46 10.43
N ASN A 123 -12.15 -22.36 10.63
CA ASN A 123 -11.69 -21.06 10.21
C ASN A 123 -11.09 -20.37 11.42
N ILE A 124 -9.82 -19.93 11.28
CA ILE A 124 -9.09 -19.26 12.37
C ILE A 124 -8.64 -17.88 11.87
N SER A 125 -8.91 -16.83 12.65
CA SER A 125 -8.44 -15.49 12.30
C SER A 125 -7.38 -14.96 13.28
N TRP A 126 -6.66 -13.92 12.84
CA TRP A 126 -5.62 -13.31 13.66
C TRP A 126 -5.48 -11.84 13.30
N GLU A 127 -4.71 -11.12 14.09
CA GLU A 127 -4.36 -9.73 13.79
C GLU A 127 -2.85 -9.56 13.79
N ILE A 128 -2.37 -8.58 13.07
CA ILE A 128 -0.98 -8.15 13.26
C ILE A 128 -0.91 -6.99 14.26
N SER A 129 0.31 -6.68 14.66
CA SER A 129 0.59 -5.80 15.79
C SER A 129 1.80 -4.93 15.45
N GLN A 130 1.71 -3.66 15.84
CA GLN A 130 2.80 -2.72 15.74
C GLN A 130 3.37 -2.78 14.34
N ALA A 131 2.49 -2.79 13.34
CA ALA A 131 2.86 -2.94 11.92
C ALA A 131 2.62 -1.63 11.18
N SER A 132 3.65 -1.11 10.52
CA SER A 132 3.60 0.20 9.87
C SER A 132 2.61 0.22 8.74
N HIS A 133 1.91 1.34 8.63
CA HIS A 133 1.09 1.65 7.46
C HIS A 133 1.88 1.74 6.16
N TYR A 134 3.19 1.94 6.23
CA TYR A 134 4.02 1.97 5.04
C TYR A 134 3.99 0.67 4.21
N PHE A 135 3.64 -0.47 4.85
CA PHE A 135 3.56 -1.75 4.15
C PHE A 135 2.32 -1.89 3.29
N GLU A 136 1.28 -1.12 3.62
CA GLU A 136 0.00 -1.24 2.94
C GLU A 136 -0.36 -2.74 3.02
N ARG A 137 -0.58 -3.44 1.91
CA ARG A 137 -0.92 -4.86 1.95
C ARG A 137 0.21 -5.76 1.40
N HIS A 138 1.43 -5.25 1.36
CA HIS A 138 2.57 -6.01 0.86
C HIS A 138 3.16 -6.82 2.03
N LEU A 139 2.37 -7.75 2.55
CA LEU A 139 2.75 -8.68 3.58
C LEU A 139 2.39 -10.07 3.10
N GLU A 140 2.98 -11.07 3.76
CA GLU A 140 2.62 -12.46 3.60
C GLU A 140 2.66 -13.18 4.95
N PHE A 141 2.04 -14.35 5.01
CA PHE A 141 1.95 -15.16 6.23
C PHE A 141 2.27 -16.61 5.95
N GLU A 142 2.67 -17.33 6.99
CA GLU A 142 2.79 -18.78 6.94
C GLU A 142 2.16 -19.32 8.20
N ALA A 143 1.48 -20.44 8.08
CA ALA A 143 0.83 -21.06 9.19
C ALA A 143 1.21 -22.52 9.27
N ARG A 144 0.91 -23.13 10.41
CA ARG A 144 1.08 -24.56 10.58
C ARG A 144 0.21 -25.09 11.70
N THR A 145 -0.10 -26.38 11.61
CA THR A 145 -1.03 -27.06 12.50
C THR A 145 -0.31 -28.23 13.18
N LEU A 146 -0.42 -28.31 14.50
CA LEU A 146 0.06 -29.46 15.27
C LEU A 146 -1.02 -30.52 15.29
N SER A 147 -0.67 -31.73 14.83
CA SER A 147 -1.57 -32.90 14.88
C SER A 147 -1.22 -33.84 16.04
N PRO A 148 -2.19 -34.67 16.47
CA PRO A 148 -2.01 -35.69 17.50
C PRO A 148 -0.77 -36.56 17.34
N GLY A 149 -0.54 -37.04 16.12
CA GLY A 149 0.63 -37.89 15.86
C GLY A 149 1.97 -37.21 16.15
N HIS A 150 2.06 -35.95 15.74
CA HIS A 150 3.31 -35.38 15.25
C HIS A 150 3.81 -34.19 16.04
N THR A 151 4.96 -33.68 15.61
CA THR A 151 5.60 -32.51 16.19
C THR A 151 5.32 -31.22 15.36
N TRP A 152 5.77 -30.08 15.89
CA TRP A 152 5.74 -28.83 15.13
C TRP A 152 6.68 -28.86 13.93
N GLU A 153 7.82 -29.54 14.07
CA GLU A 153 8.82 -29.66 13.01
C GLU A 153 8.31 -30.48 11.82
N GLU A 154 7.39 -31.42 12.09
CA GLU A 154 6.79 -32.26 11.06
C GLU A 154 5.60 -31.59 10.35
N ALA A 155 5.05 -30.53 10.95
CA ALA A 155 3.87 -29.84 10.40
C ALA A 155 4.25 -29.05 9.16
N PRO A 156 3.52 -29.24 8.06
CA PRO A 156 3.90 -28.51 6.84
C PRO A 156 3.59 -27.02 6.95
N LEU A 157 4.44 -26.19 6.35
CA LEU A 157 4.21 -24.76 6.29
C LEU A 157 3.14 -24.45 5.27
N LEU A 158 2.08 -23.76 5.71
CA LEU A 158 0.96 -23.37 4.86
C LEU A 158 1.18 -21.91 4.41
N THR A 159 1.30 -21.71 3.09
CA THR A 159 1.74 -20.42 2.52
C THR A 159 0.56 -19.51 2.18
N LEU A 160 0.62 -18.27 2.66
CA LEU A 160 -0.30 -17.24 2.24
C LEU A 160 0.50 -16.09 1.63
N LYS A 161 0.56 -16.02 0.31
CA LYS A 161 1.33 -14.96 -0.36
C LYS A 161 0.54 -13.66 -0.56
N GLN A 162 -0.20 -13.26 0.46
CA GLN A 162 -1.02 -12.07 0.39
C GLN A 162 -1.41 -11.71 1.80
N LYS A 163 -1.94 -10.50 1.99
CA LYS A 163 -2.35 -10.10 3.32
C LYS A 163 -3.74 -10.70 3.61
N GLN A 164 -3.74 -11.91 4.14
CA GLN A 164 -4.98 -12.62 4.46
C GLN A 164 -4.83 -13.01 5.90
N GLU A 165 -5.76 -12.56 6.74
CA GLU A 165 -5.65 -12.69 8.19
C GLU A 165 -6.60 -13.75 8.75
N TRP A 166 -6.84 -14.79 7.96
CA TRP A 166 -7.57 -15.99 8.38
C TRP A 166 -7.15 -17.14 7.49
N ILE A 167 -7.48 -18.34 7.94
CA ILE A 167 -7.27 -19.53 7.16
C ILE A 167 -8.42 -20.49 7.45
N CYS A 168 -8.97 -21.09 6.39
CA CYS A 168 -9.91 -22.18 6.53
C CYS A 168 -9.21 -23.50 6.27
N LEU A 169 -8.99 -24.23 7.35
CA LEU A 169 -8.32 -25.53 7.32
C LEU A 169 -9.33 -26.60 6.90
N GLU A 170 -8.98 -27.39 5.89
CA GLU A 170 -9.85 -28.42 5.33
C GLU A 170 -9.32 -29.82 5.69
N THR A 171 -10.14 -30.85 5.46
CA THR A 171 -9.73 -32.26 5.63
C THR A 171 -9.10 -32.56 6.99
N LEU A 172 -9.70 -32.03 8.06
CA LEU A 172 -9.35 -32.39 9.43
C LEU A 172 -10.17 -33.60 9.85
N THR A 173 -9.73 -34.26 10.93
CA THR A 173 -10.42 -35.41 11.55
C THR A 173 -11.39 -34.93 12.63
N PRO A 174 -12.56 -35.60 12.77
CA PRO A 174 -13.50 -35.19 13.84
C PRO A 174 -13.04 -35.49 15.28
N ASP A 175 -13.63 -34.75 16.22
CA ASP A 175 -13.31 -34.85 17.66
C ASP A 175 -11.82 -34.96 17.96
N THR A 176 -11.03 -34.13 17.29
CA THR A 176 -9.59 -34.19 17.38
C THR A 176 -9.06 -32.86 17.89
N GLN A 177 -8.03 -32.95 18.71
CA GLN A 177 -7.41 -31.81 19.35
C GLN A 177 -6.25 -31.32 18.49
N TYR A 178 -6.31 -30.05 18.08
CA TYR A 178 -5.27 -29.44 17.24
C TYR A 178 -4.69 -28.21 17.92
N GLU A 179 -3.52 -27.78 17.45
CA GLU A 179 -2.98 -26.46 17.76
C GLU A 179 -2.51 -25.76 16.49
N PHE A 180 -2.56 -24.44 16.47
CA PHE A 180 -2.34 -23.67 15.26
C PHE A 180 -1.47 -22.46 15.56
N GLN A 181 -0.57 -22.17 14.63
CA GLN A 181 0.39 -21.08 14.76
C GLN A 181 0.50 -20.35 13.44
N VAL A 182 0.85 -19.06 13.50
CA VAL A 182 1.06 -18.24 12.30
C VAL A 182 2.17 -17.19 12.50
N ARG A 183 2.85 -16.85 11.42
CA ARG A 183 3.88 -15.83 11.44
C ARG A 183 3.76 -14.97 10.18
N VAL A 184 4.43 -13.81 10.20
CA VAL A 184 4.21 -12.77 9.20
C VAL A 184 5.53 -12.13 8.75
N LYS A 185 5.61 -11.75 7.49
CA LYS A 185 6.62 -10.79 7.10
C LYS A 185 6.21 -9.87 5.96
N PRO A 186 6.81 -8.67 5.93
CA PRO A 186 6.65 -7.79 4.79
C PRO A 186 7.52 -8.26 3.68
N LEU A 187 7.17 -7.90 2.44
CA LEU A 187 7.99 -8.23 1.30
C LEU A 187 9.14 -7.27 1.08
N GLN A 188 9.09 -6.10 1.70
CA GLN A 188 10.16 -5.13 1.60
C GLN A 188 11.41 -5.50 2.45
N GLY A 189 12.57 -5.29 1.84
CA GLY A 189 13.86 -5.25 2.55
C GLY A 189 14.75 -6.44 2.28
N GLU A 190 16.01 -6.19 1.98
CA GLU A 190 16.95 -7.25 1.62
C GLU A 190 17.20 -8.25 2.74
N PHE A 191 17.24 -7.81 3.99
CA PHE A 191 17.51 -8.66 5.14
C PHE A 191 16.27 -8.94 5.97
N THR A 192 15.10 -8.51 5.51
CA THR A 192 13.85 -8.81 6.19
C THR A 192 13.63 -10.32 6.42
N THR A 193 13.09 -10.67 7.58
CA THR A 193 12.90 -12.05 7.99
C THR A 193 11.56 -12.23 8.72
N TRP A 194 11.13 -13.49 8.81
CA TRP A 194 9.85 -13.84 9.41
C TRP A 194 9.77 -13.39 10.86
N SER A 195 8.58 -12.97 11.27
CA SER A 195 8.30 -12.77 12.69
C SER A 195 8.48 -14.10 13.40
N PRO A 196 8.61 -14.06 14.74
CA PRO A 196 8.38 -15.29 15.46
C PRO A 196 6.95 -15.83 15.25
N TRP A 197 6.77 -17.11 15.57
CA TRP A 197 5.49 -17.77 15.52
C TRP A 197 4.63 -17.16 16.58
N SER A 198 3.34 -17.00 16.28
CA SER A 198 2.35 -16.61 17.28
C SER A 198 2.31 -17.63 18.38
N GLN A 199 1.67 -17.29 19.49
CA GLN A 199 1.28 -18.28 20.46
C GLN A 199 0.39 -19.32 19.81
N PRO A 200 0.58 -20.60 20.14
CA PRO A 200 -0.30 -21.62 19.58
C PRO A 200 -1.71 -21.41 20.07
N LEU A 201 -2.70 -21.53 19.20
CA LEU A 201 -4.10 -21.55 19.59
C LEU A 201 -4.55 -23.00 19.61
N ALA A 202 -5.05 -23.45 20.76
CA ALA A 202 -5.66 -24.78 20.86
C ALA A 202 -7.09 -24.74 20.36
N PHE A 203 -7.52 -25.79 19.65
CA PHE A 203 -8.94 -25.95 19.29
C PHE A 203 -9.27 -27.40 19.04
N ARG A 204 -10.56 -27.71 19.06
CA ARG A 204 -11.05 -29.06 18.88
C ARG A 204 -12.13 -29.12 17.82
N THR A 205 -11.98 -30.03 16.87
CA THR A 205 -13.04 -30.26 15.88
C THR A 205 -14.26 -30.84 16.58
N LYS A 206 -15.43 -30.59 16.00
CA LYS A 206 -16.68 -31.12 16.53
C LYS A 206 -16.77 -32.62 16.24
N PRO A 207 -17.61 -33.36 17.01
CA PRO A 207 -17.55 -34.83 16.94
C PRO A 207 -18.27 -35.54 15.78
N ALA A 208 -19.26 -34.91 15.14
CA ALA A 208 -20.19 -35.64 14.22
C ALA A 208 -21.05 -36.65 14.99
N LEU B 33 -32.05 25.48 -19.38
CA LEU B 33 -30.68 25.97 -18.98
C LEU B 33 -29.64 24.90 -18.53
N PRO B 34 -30.03 23.89 -17.70
CA PRO B 34 -29.00 22.95 -17.16
C PRO B 34 -28.65 21.77 -18.08
N LEU B 35 -27.42 21.75 -18.58
CA LEU B 35 -26.98 20.71 -19.53
C LEU B 35 -26.83 19.34 -18.87
N PRO B 36 -26.85 18.25 -19.68
CA PRO B 36 -26.57 16.95 -19.08
C PRO B 36 -25.12 16.78 -18.58
N GLU B 37 -24.96 15.92 -17.58
CA GLU B 37 -23.66 15.68 -16.96
C GLU B 37 -22.83 14.72 -17.84
N VAL B 38 -21.55 15.06 -18.01
CA VAL B 38 -20.62 14.22 -18.72
C VAL B 38 -19.91 13.27 -17.75
N GLN B 39 -19.74 12.02 -18.16
CA GLN B 39 -19.06 11.01 -17.38
C GLN B 39 -17.98 10.37 -18.24
N CYS B 40 -16.71 10.49 -17.85
CA CYS B 40 -15.60 9.96 -18.65
C CYS B 40 -14.91 8.77 -17.96
N PHE B 41 -14.54 7.76 -18.75
CA PHE B 41 -13.79 6.63 -18.27
C PHE B 41 -12.66 6.34 -19.20
N VAL B 42 -11.47 6.17 -18.62
CA VAL B 42 -10.27 5.82 -19.36
C VAL B 42 -10.14 4.30 -19.30
N PHE B 43 -10.33 3.63 -20.42
CA PHE B 43 -10.36 2.17 -20.45
C PHE B 43 -8.97 1.63 -20.71
N ASN B 44 -8.37 1.08 -19.66
CA ASN B 44 -7.07 0.47 -19.71
C ASN B 44 -5.98 1.38 -20.26
N VAL B 45 -6.11 2.70 -20.03
CA VAL B 45 -5.25 3.75 -20.62
C VAL B 45 -4.97 3.56 -22.12
N GLU B 46 -5.93 3.02 -22.86
CA GLU B 46 -5.88 2.89 -24.32
C GLU B 46 -6.72 3.95 -25.00
N TYR B 47 -7.89 4.22 -24.44
CA TYR B 47 -8.74 5.28 -24.95
C TYR B 47 -9.69 5.73 -23.85
N MET B 48 -10.34 6.86 -24.08
CA MET B 48 -11.35 7.38 -23.16
C MET B 48 -12.70 7.53 -23.87
N ASN B 49 -13.76 7.02 -23.24
CA ASN B 49 -15.13 7.30 -23.63
C ASN B 49 -15.71 8.28 -22.62
N CYS B 50 -16.18 9.41 -23.14
CA CYS B 50 -16.96 10.39 -22.39
C CYS B 50 -18.38 10.28 -22.89
N THR B 51 -19.33 10.10 -21.99
CA THR B 51 -20.73 9.99 -22.41
C THR B 51 -21.65 10.91 -21.62
N TRP B 52 -22.83 11.12 -22.20
CA TRP B 52 -23.88 11.88 -21.55
C TRP B 52 -25.24 11.42 -22.10
N ASN B 53 -26.32 11.76 -21.41
CA ASN B 53 -27.68 11.38 -21.83
C ASN B 53 -28.44 12.68 -22.04
N SER B 54 -28.81 12.97 -23.29
CA SER B 54 -29.45 14.26 -23.62
C SER B 54 -30.96 14.16 -23.95
N SER B 55 -31.60 13.07 -23.51
CA SER B 55 -33.06 12.95 -23.58
C SER B 55 -33.77 13.84 -22.55
N SER B 56 -33.02 14.37 -21.57
CA SER B 56 -33.50 15.48 -20.71
C SER B 56 -33.75 16.82 -21.43
N GLU B 57 -33.22 17.00 -22.65
CA GLU B 57 -33.47 18.18 -23.47
C GLU B 57 -34.92 18.22 -23.98
N PRO B 58 -35.49 19.44 -24.20
CA PRO B 58 -36.90 19.55 -24.64
C PRO B 58 -37.18 19.00 -26.05
N GLN B 59 -36.22 19.12 -26.97
CA GLN B 59 -36.23 18.39 -28.25
C GLN B 59 -34.97 17.53 -28.37
N PRO B 60 -34.91 16.66 -29.39
CA PRO B 60 -33.63 16.05 -29.77
C PRO B 60 -32.62 17.09 -30.27
N THR B 61 -31.39 17.00 -29.75
CA THR B 61 -30.32 17.98 -29.99
C THR B 61 -28.95 17.30 -30.02
N ASN B 62 -28.13 17.64 -31.00
CA ASN B 62 -26.75 17.20 -31.07
C ASN B 62 -25.88 18.17 -30.29
N LEU B 63 -25.58 17.84 -29.03
CA LEU B 63 -24.64 18.66 -28.24
C LEU B 63 -23.23 18.38 -28.72
N THR B 64 -22.36 19.36 -28.55
CA THR B 64 -20.97 19.24 -28.97
C THR B 64 -20.07 19.29 -27.76
N LEU B 65 -18.97 18.55 -27.88
CA LEU B 65 -18.00 18.42 -26.82
C LEU B 65 -16.69 19.00 -27.25
N HIS B 66 -16.18 19.93 -26.45
CA HIS B 66 -14.81 20.38 -26.54
C HIS B 66 -14.07 20.03 -25.25
N TYR B 67 -12.76 19.93 -25.37
CA TYR B 67 -11.95 19.65 -24.19
C TYR B 67 -10.61 20.32 -24.29
N TRP B 68 -9.99 20.47 -23.12
CA TRP B 68 -8.63 20.95 -23.03
C TRP B 68 -8.05 20.56 -21.66
N TYR B 69 -6.73 20.61 -21.57
CA TYR B 69 -6.04 20.37 -20.29
C TYR B 69 -5.49 21.65 -19.64
N LYS B 70 -5.62 21.72 -18.33
CA LYS B 70 -5.07 22.80 -17.50
C LYS B 70 -3.53 22.77 -17.43
N ASN B 71 -2.94 23.96 -17.30
CA ASN B 71 -1.52 24.13 -16.93
C ASN B 71 -0.61 23.29 -17.83
N SER B 72 -0.55 23.66 -19.12
CA SER B 72 0.01 22.76 -20.13
C SER B 72 0.30 23.45 -21.48
N ASP B 73 0.92 22.67 -22.39
CA ASP B 73 0.97 23.00 -23.84
C ASP B 73 -0.40 22.78 -24.51
N ASN B 74 -1.21 21.90 -23.92
CA ASN B 74 -2.51 21.52 -24.45
C ASN B 74 -3.63 22.46 -23.98
N ASP B 75 -3.35 23.78 -23.96
CA ASP B 75 -4.36 24.81 -23.71
C ASP B 75 -5.32 24.91 -24.90
N LYS B 76 -4.80 24.65 -26.11
CA LYS B 76 -5.58 24.75 -27.36
C LYS B 76 -6.82 23.88 -27.28
N VAL B 77 -7.98 24.52 -27.41
CA VAL B 77 -9.27 23.87 -27.21
C VAL B 77 -9.51 22.90 -28.35
N GLN B 78 -9.74 21.63 -28.03
CA GLN B 78 -9.92 20.58 -29.04
C GLN B 78 -11.40 20.29 -29.26
N LYS B 79 -11.75 19.94 -30.49
CA LYS B 79 -13.10 19.52 -30.85
C LYS B 79 -13.10 18.00 -30.88
N CYS B 80 -14.16 17.39 -30.36
CA CYS B 80 -14.33 15.97 -30.45
C CYS B 80 -14.30 15.56 -31.92
N SER B 81 -13.37 14.66 -32.29
CA SER B 81 -13.27 14.18 -33.68
C SER B 81 -13.75 12.73 -33.82
N HIS B 82 -14.45 12.22 -32.81
CA HIS B 82 -15.09 10.92 -32.90
C HIS B 82 -16.29 10.91 -31.96
N TYR B 83 -17.45 11.33 -32.49
CA TYR B 83 -18.66 11.36 -31.69
C TYR B 83 -19.26 9.98 -31.58
N LEU B 84 -20.02 9.77 -30.51
CA LEU B 84 -20.79 8.54 -30.27
C LEU B 84 -22.26 8.92 -30.29
N PHE B 85 -23.11 8.01 -30.75
CA PHE B 85 -24.51 8.31 -30.95
C PHE B 85 -25.44 7.34 -30.24
N SER B 86 -26.59 7.85 -29.83
CA SER B 86 -27.60 7.10 -29.13
C SER B 86 -28.94 7.67 -29.60
N GLU B 87 -29.72 6.85 -30.32
CA GLU B 87 -30.96 7.29 -30.99
C GLU B 87 -30.67 8.43 -31.99
N GLU B 88 -29.61 8.24 -32.78
CA GLU B 88 -29.16 9.18 -33.81
C GLU B 88 -28.79 10.60 -33.32
N ILE B 89 -28.50 10.73 -32.02
CA ILE B 89 -28.15 12.02 -31.40
C ILE B 89 -26.79 11.85 -30.69
N THR B 90 -25.95 12.90 -30.66
CA THR B 90 -24.66 12.81 -29.96
C THR B 90 -24.90 12.45 -28.49
N SER B 91 -24.17 11.46 -28.01
CA SER B 91 -24.23 11.00 -26.62
C SER B 91 -22.85 10.74 -25.99
N GLY B 92 -21.78 11.13 -26.68
CA GLY B 92 -20.47 10.82 -26.21
C GLY B 92 -19.38 11.17 -27.19
N CYS B 93 -18.16 11.14 -26.68
CA CYS B 93 -16.96 11.34 -27.46
C CYS B 93 -15.96 10.26 -27.07
N GLN B 94 -15.15 9.83 -28.03
CA GLN B 94 -14.02 8.96 -27.76
C GLN B 94 -12.69 9.66 -28.06
N LEU B 95 -11.81 9.73 -27.07
CA LEU B 95 -10.44 10.19 -27.25
C LEU B 95 -9.48 8.99 -27.36
N GLN B 96 -8.49 9.11 -28.25
CA GLN B 96 -7.44 8.10 -28.40
C GLN B 96 -6.30 8.37 -27.40
N LYS B 97 -5.38 7.38 -27.32
CA LYS B 97 -4.26 7.40 -26.37
C LYS B 97 -3.47 8.69 -26.43
N LYS B 98 -3.10 9.12 -27.63
CA LYS B 98 -2.39 10.39 -27.86
C LYS B 98 -3.02 11.58 -27.14
N GLU B 99 -4.36 11.65 -27.13
CA GLU B 99 -5.10 12.76 -26.51
C GLU B 99 -5.33 12.62 -24.99
N ILE B 100 -4.84 11.53 -24.38
CA ILE B 100 -5.00 11.30 -22.92
C ILE B 100 -3.75 11.69 -22.13
N HIS B 101 -3.95 12.53 -21.10
CA HIS B 101 -2.90 12.90 -20.16
C HIS B 101 -3.40 12.69 -18.75
N LEU B 102 -3.20 11.47 -18.27
CA LEU B 102 -3.77 11.01 -17.02
C LEU B 102 -3.60 11.93 -15.84
N TYR B 103 -2.45 12.62 -15.72
CA TYR B 103 -2.16 13.39 -14.49
C TYR B 103 -2.27 14.92 -14.66
N GLN B 104 -2.65 15.38 -15.86
CA GLN B 104 -2.98 16.81 -16.11
C GLN B 104 -4.49 16.95 -15.99
N THR B 105 -4.98 17.96 -15.27
CA THR B 105 -6.42 18.16 -15.11
C THR B 105 -7.14 18.29 -16.47
N PHE B 106 -8.22 17.54 -16.64
CA PHE B 106 -8.92 17.41 -17.93
C PHE B 106 -10.17 18.23 -17.83
N VAL B 107 -10.40 19.10 -18.80
CA VAL B 107 -11.56 19.97 -18.79
C VAL B 107 -12.43 19.63 -19.99
N VAL B 108 -13.68 19.30 -19.71
CA VAL B 108 -14.63 18.86 -20.71
C VAL B 108 -15.79 19.88 -20.72
N GLN B 109 -16.18 20.31 -21.92
CA GLN B 109 -17.19 21.34 -22.09
C GLN B 109 -18.27 20.84 -23.02
N LEU B 110 -19.50 20.71 -22.51
CA LEU B 110 -20.68 20.49 -23.36
C LEU B 110 -21.28 21.83 -23.77
N GLN B 111 -21.81 21.90 -24.99
CA GLN B 111 -22.35 23.14 -25.53
C GLN B 111 -23.56 22.91 -26.42
N ASP B 112 -24.58 23.77 -26.30
CA ASP B 112 -25.69 23.80 -27.26
C ASP B 112 -25.14 24.46 -28.54
N PRO B 113 -25.17 23.74 -29.67
CA PRO B 113 -24.58 24.32 -30.89
C PRO B 113 -25.43 25.46 -31.50
N ARG B 114 -26.72 25.47 -31.19
CA ARG B 114 -27.64 26.50 -31.66
C ARG B 114 -27.75 27.66 -30.65
N GLU B 115 -27.22 27.49 -29.43
CA GLU B 115 -27.18 28.55 -28.40
C GLU B 115 -25.79 28.63 -27.71
N PRO B 116 -24.85 29.40 -28.27
CA PRO B 116 -23.46 29.51 -27.75
C PRO B 116 -23.29 29.74 -26.23
N ARG B 117 -23.99 30.71 -25.65
CA ARG B 117 -23.85 31.03 -24.20
C ARG B 117 -24.24 29.87 -23.26
N ARG B 118 -25.08 28.96 -23.74
CA ARG B 118 -25.46 27.75 -23.00
C ARG B 118 -24.33 26.70 -23.03
N GLN B 119 -23.64 26.56 -21.90
CA GLN B 119 -22.50 25.66 -21.79
C GLN B 119 -22.26 25.22 -20.34
N ALA B 120 -21.75 24.01 -20.19
CA ALA B 120 -21.38 23.46 -18.90
C ALA B 120 -19.98 22.86 -19.03
N THR B 121 -19.19 23.10 -18.00
CA THR B 121 -17.80 22.67 -17.96
C THR B 121 -17.60 21.81 -16.71
N GLN B 122 -16.77 20.78 -16.82
CA GLN B 122 -16.33 19.98 -15.66
C GLN B 122 -14.84 19.80 -15.69
N MET B 123 -14.25 19.69 -14.50
CA MET B 123 -12.83 19.35 -14.32
C MET B 123 -12.76 17.91 -13.84
N LEU B 124 -12.14 17.05 -14.64
CA LEU B 124 -12.00 15.64 -14.30
C LEU B 124 -10.56 15.30 -13.93
N LYS B 125 -10.41 14.36 -13.01
CA LYS B 125 -9.10 13.78 -12.66
C LYS B 125 -9.01 12.37 -13.26
N LEU B 126 -8.34 12.27 -14.39
CA LEU B 126 -8.42 11.04 -15.19
C LEU B 126 -7.83 9.82 -14.51
N GLN B 127 -6.81 10.03 -13.68
CA GLN B 127 -6.19 8.94 -12.94
C GLN B 127 -7.13 8.27 -11.93
N ASN B 128 -8.25 8.90 -11.60
CA ASN B 128 -9.26 8.27 -10.76
C ASN B 128 -10.39 7.66 -11.58
N LEU B 129 -10.28 7.69 -12.90
CA LEU B 129 -11.36 7.27 -13.78
C LEU B 129 -10.91 6.18 -14.75
N VAL B 130 -9.82 5.51 -14.40
CA VAL B 130 -9.28 4.41 -15.18
C VAL B 130 -10.04 3.15 -14.78
N ILE B 131 -10.38 2.34 -15.79
CA ILE B 131 -10.94 1.01 -15.58
C ILE B 131 -10.07 0.05 -16.40
N PRO B 132 -9.34 -0.87 -15.72
CA PRO B 132 -8.51 -1.81 -16.47
C PRO B 132 -9.37 -2.85 -17.12
N TRP B 133 -8.87 -3.47 -18.18
CA TRP B 133 -9.51 -4.67 -18.69
C TRP B 133 -9.38 -5.77 -17.62
N ALA B 134 -10.28 -6.74 -17.67
CA ALA B 134 -10.24 -7.86 -16.72
C ALA B 134 -8.92 -8.60 -16.84
N PRO B 135 -8.43 -9.15 -15.73
CA PRO B 135 -7.29 -10.02 -15.84
C PRO B 135 -7.55 -11.24 -16.74
N GLU B 136 -6.47 -11.84 -17.22
CA GLU B 136 -6.45 -12.85 -18.26
C GLU B 136 -5.53 -13.95 -17.83
N ASN B 137 -5.58 -15.07 -18.56
CA ASN B 137 -4.57 -16.13 -18.44
C ASN B 137 -4.43 -16.59 -17.02
N LEU B 138 -5.57 -16.85 -16.38
CA LEU B 138 -5.58 -17.45 -15.05
C LEU B 138 -5.02 -18.85 -15.15
N THR B 139 -4.01 -19.16 -14.34
CA THR B 139 -3.44 -20.50 -14.24
C THR B 139 -3.39 -20.91 -12.77
N LEU B 140 -3.45 -22.22 -12.52
CA LEU B 140 -3.23 -22.76 -11.20
C LEU B 140 -2.02 -23.66 -11.20
N HIS B 141 -1.30 -23.70 -10.10
CA HIS B 141 -0.32 -24.73 -9.93
C HIS B 141 -0.23 -25.14 -8.48
N LYS B 142 0.25 -26.36 -8.28
CA LYS B 142 0.35 -26.96 -6.97
C LYS B 142 1.69 -26.58 -6.34
N LEU B 143 1.62 -26.00 -5.15
CA LEU B 143 2.77 -25.89 -4.25
C LEU B 143 2.94 -27.19 -3.47
N SER B 144 1.84 -27.89 -3.26
CA SER B 144 1.84 -29.22 -2.66
C SER B 144 0.53 -29.84 -3.08
N GLU B 145 0.24 -31.04 -2.62
CA GLU B 145 -1.01 -31.71 -2.97
C GLU B 145 -2.24 -30.95 -2.48
N SER B 146 -2.11 -30.28 -1.33
CA SER B 146 -3.22 -29.52 -0.75
C SER B 146 -2.95 -27.99 -0.66
N GLN B 147 -2.07 -27.44 -1.51
CA GLN B 147 -1.85 -25.99 -1.59
C GLN B 147 -1.78 -25.57 -3.04
N LEU B 148 -2.63 -24.61 -3.42
CA LEU B 148 -2.69 -24.08 -4.80
C LEU B 148 -2.24 -22.64 -4.83
N GLU B 149 -1.70 -22.24 -5.98
CA GLU B 149 -1.40 -20.86 -6.27
C GLU B 149 -2.12 -20.45 -7.54
N LEU B 150 -2.89 -19.38 -7.47
CA LEU B 150 -3.51 -18.78 -8.64
C LEU B 150 -2.60 -17.65 -9.14
N ASN B 151 -2.43 -17.58 -10.45
CA ASN B 151 -1.67 -16.52 -11.12
C ASN B 151 -2.52 -16.00 -12.28
N TRP B 152 -2.19 -14.80 -12.75
CA TRP B 152 -2.89 -14.19 -13.87
C TRP B 152 -2.05 -13.06 -14.46
N ASN B 153 -2.48 -12.51 -15.58
CA ASN B 153 -1.83 -11.39 -16.26
C ASN B 153 -2.79 -10.22 -16.39
N ASN B 154 -2.25 -9.02 -16.49
CA ASN B 154 -3.00 -7.85 -16.97
C ASN B 154 -2.23 -7.17 -18.08
N ARG B 155 -2.94 -6.65 -19.09
CA ARG B 155 -2.29 -5.88 -20.21
C ARG B 155 -2.09 -4.44 -19.74
N PHE B 156 -1.12 -4.23 -18.87
CA PHE B 156 -1.08 -3.02 -18.01
C PHE B 156 0.10 -3.12 -17.09
N LEU B 157 0.82 -2.03 -16.91
CA LEU B 157 1.78 -1.89 -15.80
C LEU B 157 1.22 -2.62 -14.56
N ASN B 158 1.90 -3.70 -14.17
CA ASN B 158 1.46 -4.53 -13.05
C ASN B 158 1.32 -3.71 -11.75
N HIS B 159 2.21 -2.73 -11.59
CA HIS B 159 2.34 -1.99 -10.35
C HIS B 159 1.15 -1.11 -9.97
N CYS B 160 0.42 -0.68 -10.98
CA CYS B 160 -0.69 0.23 -10.83
C CYS B 160 -2.01 -0.44 -10.51
N LEU B 161 -2.04 -1.76 -10.32
CA LEU B 161 -3.28 -2.45 -10.05
C LEU B 161 -3.31 -3.15 -8.73
N GLU B 162 -4.49 -3.23 -8.17
CA GLU B 162 -4.76 -4.15 -7.08
C GLU B 162 -5.86 -5.06 -7.61
N HIS B 163 -6.15 -6.11 -6.88
CA HIS B 163 -7.07 -7.15 -7.36
C HIS B 163 -7.94 -7.68 -6.25
N LEU B 164 -9.07 -8.23 -6.69
CA LEU B 164 -9.98 -8.93 -5.82
C LEU B 164 -10.13 -10.34 -6.36
N VAL B 165 -9.80 -11.35 -5.54
CA VAL B 165 -9.93 -12.74 -5.95
C VAL B 165 -11.16 -13.32 -5.29
N GLN B 166 -11.98 -14.02 -6.05
CA GLN B 166 -13.11 -14.76 -5.49
C GLN B 166 -12.95 -16.22 -5.80
N TYR B 167 -13.29 -17.07 -4.86
CA TYR B 167 -13.28 -18.51 -5.10
C TYR B 167 -14.44 -19.16 -4.37
N ARG B 168 -14.75 -20.39 -4.78
CA ARG B 168 -15.82 -21.18 -4.21
C ARG B 168 -15.58 -22.65 -4.55
N THR B 169 -16.29 -23.54 -3.87
CA THR B 169 -16.31 -24.95 -4.21
C THR B 169 -17.74 -25.35 -4.50
N ASP B 170 -17.89 -26.57 -4.99
CA ASP B 170 -19.22 -27.19 -5.11
C ASP B 170 -19.96 -27.40 -3.79
N TRP B 171 -19.26 -27.41 -2.66
CA TRP B 171 -19.89 -27.37 -1.32
C TRP B 171 -20.38 -25.97 -0.85
N ASP B 172 -19.93 -24.87 -1.49
CA ASP B 172 -20.23 -23.51 -1.00
C ASP B 172 -21.44 -22.89 -1.66
N HIS B 173 -22.24 -22.18 -0.86
CA HIS B 173 -23.42 -21.46 -1.34
C HIS B 173 -23.10 -20.04 -1.85
N SER B 174 -21.83 -19.64 -1.77
CA SER B 174 -21.39 -18.29 -2.15
C SER B 174 -19.87 -18.19 -2.36
N TRP B 175 -19.45 -17.08 -2.97
CA TRP B 175 -18.03 -16.81 -3.18
C TRP B 175 -17.34 -16.31 -1.92
N THR B 176 -16.12 -16.77 -1.67
CA THR B 176 -15.26 -16.14 -0.68
C THR B 176 -14.35 -15.17 -1.40
N GLU B 177 -14.21 -13.96 -0.86
CA GLU B 177 -13.35 -12.98 -1.50
C GLU B 177 -12.20 -12.55 -0.62
N GLN B 178 -11.14 -12.11 -1.26
CA GLN B 178 -9.90 -11.73 -0.60
C GLN B 178 -9.15 -10.79 -1.52
N SER B 179 -8.67 -9.69 -0.95
CA SER B 179 -7.98 -8.69 -1.75
C SER B 179 -6.48 -9.00 -1.84
N VAL B 180 -5.86 -8.51 -2.91
CA VAL B 180 -4.51 -8.86 -3.29
C VAL B 180 -3.94 -7.59 -3.93
N ASP B 181 -2.67 -7.32 -3.69
CA ASP B 181 -2.02 -6.11 -4.23
C ASP B 181 -1.37 -6.38 -5.58
N TYR B 182 -0.49 -5.50 -6.04
CA TYR B 182 0.23 -5.68 -7.30
C TYR B 182 1.06 -6.95 -7.49
N ARG B 183 1.28 -7.71 -6.42
CA ARG B 183 1.91 -9.02 -6.54
C ARG B 183 1.17 -9.98 -7.50
N HIS B 184 -0.16 -9.86 -7.56
CA HIS B 184 -1.03 -10.65 -8.46
C HIS B 184 -0.81 -12.19 -8.48
N LYS B 185 -0.80 -12.72 -7.28
CA LYS B 185 -0.75 -14.13 -6.99
C LYS B 185 -1.75 -14.29 -5.91
N PHE B 186 -2.24 -15.50 -5.76
CA PHE B 186 -3.09 -15.80 -4.63
C PHE B 186 -2.90 -17.25 -4.20
N SER B 187 -2.59 -17.42 -2.91
CA SER B 187 -2.39 -18.73 -2.33
C SER B 187 -3.67 -19.24 -1.75
N LEU B 188 -3.89 -20.53 -1.92
CA LEU B 188 -4.93 -21.21 -1.21
C LEU B 188 -4.23 -22.31 -0.41
N PRO B 189 -3.99 -22.08 0.89
CA PRO B 189 -3.12 -22.95 1.66
C PRO B 189 -3.71 -24.27 2.16
N SER B 190 -5.00 -24.51 1.97
CA SER B 190 -5.62 -25.76 2.44
C SER B 190 -6.72 -26.16 1.47
N VAL B 191 -6.40 -27.08 0.59
CA VAL B 191 -7.30 -27.50 -0.45
C VAL B 191 -7.83 -28.93 -0.12
N ASP B 192 -9.12 -29.12 -0.34
CA ASP B 192 -9.73 -30.42 -0.26
C ASP B 192 -9.75 -31.04 -1.68
N GLY B 193 -9.05 -32.15 -1.84
CA GLY B 193 -9.01 -32.89 -3.11
C GLY B 193 -10.34 -33.47 -3.55
N GLN B 194 -11.23 -33.75 -2.60
CA GLN B 194 -12.60 -34.16 -2.90
C GLN B 194 -13.51 -33.07 -3.50
N LYS B 195 -13.12 -31.80 -3.40
CA LYS B 195 -13.94 -30.68 -3.85
C LYS B 195 -13.44 -30.13 -5.18
N ARG B 196 -14.36 -29.48 -5.90
CA ARG B 196 -14.01 -28.79 -7.13
C ARG B 196 -14.05 -27.29 -6.91
N TYR B 197 -12.95 -26.61 -7.23
CA TYR B 197 -12.78 -25.20 -6.97
C TYR B 197 -13.05 -24.34 -8.22
N THR B 198 -13.60 -23.15 -8.02
CA THR B 198 -13.74 -22.16 -9.09
C THR B 198 -13.09 -20.87 -8.61
N PHE B 199 -12.38 -20.18 -9.52
CA PHE B 199 -11.70 -18.93 -9.20
C PHE B 199 -11.97 -17.86 -10.24
N ARG B 200 -12.11 -16.62 -9.79
CA ARG B 200 -12.07 -15.49 -10.71
C ARG B 200 -11.47 -14.28 -10.04
N VAL B 201 -11.07 -13.32 -10.87
CA VAL B 201 -10.31 -12.16 -10.41
C VAL B 201 -10.74 -10.92 -11.16
N ARG B 202 -10.74 -9.80 -10.44
CA ARG B 202 -10.92 -8.50 -11.03
C ARG B 202 -9.88 -7.54 -10.49
N SER B 203 -9.74 -6.41 -11.17
CA SER B 203 -8.65 -5.47 -10.94
C SER B 203 -9.11 -4.02 -10.94
N ARG B 204 -8.33 -3.18 -10.28
CA ARG B 204 -8.61 -1.77 -10.09
C ARG B 204 -7.35 -0.93 -10.08
N PHE B 205 -7.44 0.27 -10.68
CA PHE B 205 -6.31 1.17 -10.82
C PHE B 205 -6.19 1.98 -9.51
N ASN B 206 -5.64 1.35 -8.48
CA ASN B 206 -5.57 1.93 -7.13
C ASN B 206 -4.58 1.11 -6.29
N PRO B 207 -3.80 1.70 -5.37
CA PRO B 207 -3.77 3.12 -5.02
C PRO B 207 -2.46 3.88 -5.39
N LEU B 208 -1.52 3.23 -6.07
CA LEU B 208 -0.18 3.79 -6.24
C LEU B 208 -0.03 4.71 -7.45
N CYS B 209 -0.85 4.51 -8.48
CA CYS B 209 -0.79 5.29 -9.69
C CYS B 209 -2.06 6.08 -9.95
N GLY B 210 -3.01 5.99 -9.02
CA GLY B 210 -4.35 6.55 -9.17
C GLY B 210 -5.22 6.08 -8.01
N SER B 211 -6.39 6.67 -7.88
CA SER B 211 -7.35 6.33 -6.81
C SER B 211 -8.73 6.03 -7.41
N ALA B 212 -8.76 5.21 -8.46
CA ALA B 212 -10.03 4.82 -9.12
C ALA B 212 -10.86 3.96 -8.20
N GLN B 213 -12.18 4.09 -8.29
CA GLN B 213 -13.09 3.32 -7.45
C GLN B 213 -13.74 2.14 -8.18
N HIS B 214 -13.84 2.19 -9.50
CA HIS B 214 -14.49 1.11 -10.23
C HIS B 214 -13.56 -0.05 -10.53
N TRP B 215 -14.09 -1.26 -10.37
CA TRP B 215 -13.41 -2.50 -10.66
C TRP B 215 -13.57 -2.88 -12.11
N SER B 216 -12.66 -3.68 -12.63
CA SER B 216 -12.80 -4.23 -13.96
C SER B 216 -13.97 -5.19 -13.95
N GLU B 217 -14.37 -5.61 -15.16
CA GLU B 217 -15.12 -6.85 -15.29
C GLU B 217 -14.34 -8.01 -14.61
N TRP B 218 -15.06 -9.03 -14.15
CA TRP B 218 -14.47 -10.29 -13.73
C TRP B 218 -13.75 -10.95 -14.90
N SER B 219 -12.63 -11.59 -14.59
CA SER B 219 -11.97 -12.48 -15.51
C SER B 219 -12.92 -13.61 -15.88
N HIS B 220 -12.59 -14.30 -16.96
CA HIS B 220 -13.15 -15.62 -17.17
C HIS B 220 -12.70 -16.53 -16.02
N PRO B 221 -13.62 -17.27 -15.42
CA PRO B 221 -13.20 -18.16 -14.33
C PRO B 221 -12.42 -19.38 -14.82
N ILE B 222 -11.67 -19.98 -13.91
CA ILE B 222 -11.11 -21.29 -14.14
C ILE B 222 -11.42 -22.20 -12.99
N HIS B 223 -11.24 -23.49 -13.23
CA HIS B 223 -11.67 -24.55 -12.33
C HIS B 223 -10.56 -25.51 -12.02
N TRP B 224 -10.68 -26.22 -10.91
CA TRP B 224 -9.70 -27.24 -10.52
C TRP B 224 -10.38 -28.36 -9.77
N GLY B 225 -9.96 -29.61 -10.00
CA GLY B 225 -10.65 -30.80 -9.45
C GLY B 225 -9.85 -32.09 -9.49
N SER C 23 17.68 1.73 -12.92
CA SER C 23 18.45 0.88 -11.95
C SER C 23 17.57 0.57 -10.70
N SER C 24 18.19 0.20 -9.57
CA SER C 24 17.46 0.06 -8.31
C SER C 24 17.52 1.32 -7.42
N SER C 25 18.16 2.40 -7.90
CA SER C 25 17.95 3.76 -7.31
C SER C 25 16.64 4.38 -7.83
N THR C 26 16.21 3.97 -9.02
CA THR C 26 14.85 4.21 -9.51
C THR C 26 13.81 3.47 -8.65
N LYS C 27 14.08 2.21 -8.30
CA LYS C 27 13.17 1.48 -7.40
C LYS C 27 13.21 2.01 -5.97
N LYS C 28 14.34 2.59 -5.57
CA LYS C 28 14.46 3.23 -4.27
C LYS C 28 13.62 4.52 -4.24
N THR C 29 13.77 5.34 -5.27
CA THR C 29 12.93 6.52 -5.50
C THR C 29 11.44 6.15 -5.51
N GLN C 30 11.09 5.09 -6.21
CA GLN C 30 9.72 4.65 -6.30
C GLN C 30 9.13 4.24 -4.97
N LEU C 31 9.92 3.58 -4.17
CA LEU C 31 9.48 3.09 -2.87
C LEU C 31 9.34 4.27 -1.89
N GLN C 32 10.23 5.24 -2.00
CA GLN C 32 10.14 6.46 -1.22
C GLN C 32 8.87 7.27 -1.54
N LEU C 33 8.55 7.35 -2.84
CA LEU C 33 7.31 7.98 -3.29
C LEU C 33 6.09 7.25 -2.77
N GLU C 34 6.12 5.93 -2.78
CA GLU C 34 5.01 5.14 -2.26
C GLU C 34 4.78 5.43 -0.76
N HIS C 35 5.86 5.48 0.01
CA HIS C 35 5.74 5.74 1.44
C HIS C 35 5.18 7.13 1.72
N LEU C 36 5.70 8.15 1.04
CA LEU C 36 5.13 9.49 1.06
C LEU C 36 3.63 9.47 0.78
N LEU C 37 3.27 8.80 -0.31
CA LEU C 37 1.88 8.66 -0.73
C LEU C 37 1.00 8.05 0.34
N LEU C 38 1.50 7.00 0.98
CA LEU C 38 0.76 6.32 2.05
C LEU C 38 0.61 7.21 3.29
N ASP C 39 1.65 8.00 3.62
CA ASP C 39 1.55 9.05 4.65
C ASP C 39 0.44 10.05 4.33
N LEU C 40 0.34 10.46 3.07
CA LEU C 40 -0.63 11.46 2.67
C LEU C 40 -2.03 10.88 2.63
N GLN C 41 -2.17 9.69 2.05
CA GLN C 41 -3.45 8.99 2.02
C GLN C 41 -3.98 8.73 3.43
N MET C 42 -3.09 8.51 4.38
CA MET C 42 -3.51 8.26 5.75
C MET C 42 -4.07 9.52 6.34
N ILE C 43 -3.46 10.66 6.06
CA ILE C 43 -4.02 11.93 6.57
C ILE C 43 -5.41 12.17 5.97
N LEU C 44 -5.50 11.99 4.66
CA LEU C 44 -6.72 12.20 3.90
C LEU C 44 -7.82 11.27 4.37
N ASN C 45 -7.49 9.98 4.57
CA ASN C 45 -8.47 9.02 5.13
C ASN C 45 -8.88 9.41 6.53
N GLY C 46 -7.94 9.87 7.36
CA GLY C 46 -8.25 10.35 8.69
C GLY C 46 -9.17 11.57 8.71
N ILE C 47 -9.02 12.46 7.73
CA ILE C 47 -9.83 13.66 7.63
C ILE C 47 -11.28 13.35 7.25
N ASN C 48 -11.46 12.41 6.34
CA ASN C 48 -12.78 12.00 5.87
C ASN C 48 -13.62 11.17 6.87
N ASN C 49 -13.17 11.00 8.12
CA ASN C 49 -13.93 10.27 9.18
C ASN C 49 -14.13 11.10 10.46
N THR C 56 -14.03 20.67 10.68
CA THR C 56 -14.78 21.89 10.36
C THR C 56 -13.85 23.11 10.23
N ARG C 57 -13.16 23.47 11.32
CA ARG C 57 -12.08 24.48 11.31
C ARG C 57 -10.83 24.01 10.54
N MET C 58 -10.66 22.68 10.51
CA MET C 58 -9.73 22.01 9.63
C MET C 58 -10.02 22.36 8.16
N LEU C 59 -11.27 22.29 7.75
CA LEU C 59 -11.64 22.53 6.34
C LEU C 59 -11.67 24.02 5.91
N THR C 60 -11.49 24.95 6.85
CA THR C 60 -11.28 26.37 6.50
C THR C 60 -9.79 26.75 6.34
N ALA C 61 -8.85 25.97 6.90
CA ALA C 61 -7.40 26.26 6.79
C ALA C 61 -6.95 26.28 5.33
N LYS C 62 -6.11 27.22 4.97
CA LYS C 62 -5.76 27.39 3.57
C LYS C 62 -4.29 27.06 3.37
N PHE C 63 -4.01 26.39 2.25
CA PHE C 63 -2.68 25.91 1.92
C PHE C 63 -2.20 26.53 0.61
N ALA C 64 -0.93 26.88 0.57
CA ALA C 64 -0.27 27.25 -0.66
C ALA C 64 -0.15 26.01 -1.55
N MET C 65 -0.29 26.23 -2.86
CA MET C 65 -0.38 25.18 -3.84
C MET C 65 0.66 25.33 -4.92
N PRO C 66 1.22 24.21 -5.44
CA PRO C 66 2.26 24.32 -6.46
C PRO C 66 1.65 24.78 -7.76
N LYS C 67 2.30 25.73 -8.43
CA LYS C 67 1.88 26.14 -9.76
C LYS C 67 2.03 25.00 -10.73
N LYS C 68 3.18 24.34 -10.64
CA LYS C 68 3.52 23.16 -11.43
C LYS C 68 4.06 22.10 -10.46
N ALA C 69 3.65 20.85 -10.64
CA ALA C 69 4.22 19.72 -9.89
C ALA C 69 4.30 18.45 -10.76
N THR C 70 5.42 18.32 -11.46
CA THR C 70 5.73 17.21 -12.37
C THR C 70 7.09 16.52 -12.17
N GLU C 71 8.02 17.16 -11.47
CA GLU C 71 9.28 16.54 -11.12
C GLU C 71 9.63 16.72 -9.64
N LEU C 72 10.59 15.93 -9.18
CA LEU C 72 10.84 15.79 -7.77
C LEU C 72 11.26 17.09 -7.04
N LYS C 73 11.93 18.00 -7.74
CA LYS C 73 12.33 19.26 -7.11
C LYS C 73 11.14 20.08 -6.66
N HIS C 74 9.99 19.88 -7.30
CA HIS C 74 8.77 20.57 -6.91
C HIS C 74 8.24 20.24 -5.53
N LEU C 75 8.68 19.12 -4.96
CA LEU C 75 8.39 18.80 -3.56
C LEU C 75 8.82 19.88 -2.58
N GLN C 76 9.70 20.79 -2.99
CA GLN C 76 9.96 22.03 -2.23
C GLN C 76 8.66 22.67 -1.73
N CYS C 77 7.65 22.75 -2.60
CA CYS C 77 6.36 23.32 -2.27
C CYS C 77 5.56 22.52 -1.26
N LEU C 78 5.71 21.20 -1.25
CA LEU C 78 5.12 20.40 -0.17
C LEU C 78 5.89 20.65 1.13
N GLU C 79 7.22 20.60 1.04
CA GLU C 79 8.06 20.79 2.21
C GLU C 79 7.71 22.04 2.99
N GLU C 80 7.57 23.15 2.27
CA GLU C 80 7.29 24.47 2.88
C GLU C 80 5.93 24.58 3.55
N GLU C 81 4.98 23.73 3.19
CA GLU C 81 3.65 23.70 3.84
C GLU C 81 3.48 22.65 4.97
N LEU C 82 4.58 22.02 5.40
CA LEU C 82 4.51 21.00 6.45
C LEU C 82 4.26 21.57 7.82
N LYS C 83 4.86 22.71 8.15
CA LYS C 83 4.56 23.38 9.43
C LYS C 83 3.06 23.76 9.53
N PRO C 84 2.49 24.45 8.52
CA PRO C 84 1.03 24.68 8.57
C PRO C 84 0.18 23.41 8.54
N LEU C 85 0.65 22.38 7.84
CA LEU C 85 -0.06 21.10 7.89
C LEU C 85 -0.03 20.52 9.32
N GLU C 86 1.12 20.54 9.97
CA GLU C 86 1.23 20.04 11.32
C GLU C 86 0.24 20.77 12.23
N GLU C 87 0.20 22.11 12.14
CA GLU C 87 -0.65 22.93 13.01
C GLU C 87 -2.12 22.62 12.88
N VAL C 88 -2.59 22.42 11.65
CA VAL C 88 -3.96 22.07 11.42
C VAL C 88 -4.31 20.69 12.01
N LEU C 89 -3.41 19.72 11.92
CA LEU C 89 -3.67 18.38 12.45
C LEU C 89 -3.60 18.35 13.98
N ASN C 90 -2.76 19.18 14.58
CA ASN C 90 -2.74 19.38 16.04
C ASN C 90 -4.03 20.00 16.57
N GLY C 91 -4.58 20.97 15.85
CA GLY C 91 -5.85 21.60 16.23
C GLY C 91 -7.04 20.66 16.15
N ALA C 92 -7.00 19.70 15.24
CA ALA C 92 -8.12 18.79 15.01
C ALA C 92 -8.14 17.54 15.90
N GLN C 93 -7.10 17.29 16.69
CA GLN C 93 -7.04 16.04 17.50
C GLN C 93 -8.15 15.92 18.54
N SER C 94 -8.75 14.72 18.66
CA SER C 94 -9.85 14.46 19.62
C SER C 94 -10.06 12.97 19.96
N HIS C 98 -7.10 10.24 15.38
CA HIS C 98 -6.31 9.01 15.28
C HIS C 98 -5.06 9.22 14.41
N LEU C 99 -4.32 10.29 14.70
CA LEU C 99 -3.05 10.62 14.02
C LEU C 99 -2.06 11.08 15.10
N ARG C 100 -0.76 10.90 14.85
CA ARG C 100 0.28 11.46 15.74
C ARG C 100 1.10 12.43 14.91
N PRO C 101 0.71 13.73 14.89
CA PRO C 101 1.21 14.60 13.84
C PRO C 101 2.67 14.99 13.89
N ARG C 102 3.27 15.07 15.08
CA ARG C 102 4.69 15.39 15.18
C ARG C 102 5.53 14.31 14.48
N ASP C 103 5.26 13.04 14.81
CA ASP C 103 5.89 11.88 14.16
C ASP C 103 5.64 11.93 12.65
N LEU C 104 4.37 12.00 12.29
CA LEU C 104 3.91 11.91 10.91
C LEU C 104 4.56 12.97 10.02
N ILE C 105 4.54 14.21 10.49
CA ILE C 105 5.12 15.34 9.74
C ILE C 105 6.65 15.24 9.67
N SER C 106 7.28 14.79 10.74
CA SER C 106 8.72 14.67 10.74
C SER C 106 9.12 13.55 9.75
N ASN C 107 8.28 12.51 9.62
CA ASN C 107 8.50 11.43 8.64
C ASN C 107 8.32 11.93 7.19
N ILE C 108 7.28 12.69 6.95
CA ILE C 108 7.06 13.24 5.63
C ILE C 108 8.20 14.18 5.28
N ASN C 109 8.63 14.96 6.27
CA ASN C 109 9.72 15.90 6.09
C ASN C 109 11.01 15.23 5.61
N VAL C 110 11.44 14.14 6.28
CA VAL C 110 12.70 13.49 5.87
C VAL C 110 12.55 12.77 4.53
N ILE C 111 11.42 12.15 4.27
CA ILE C 111 11.22 11.49 2.97
C ILE C 111 11.26 12.52 1.81
N VAL C 112 10.57 13.65 2.00
CA VAL C 112 10.54 14.73 1.01
C VAL C 112 11.93 15.28 0.79
N LEU C 113 12.70 15.47 1.87
CA LEU C 113 14.03 16.03 1.74
C LEU C 113 14.92 15.10 0.91
N GLU C 114 14.77 13.80 1.10
CA GLU C 114 15.54 12.81 0.34
C GLU C 114 15.12 12.80 -1.12
N LEU C 115 13.83 12.79 -1.39
CA LEU C 115 13.34 12.74 -2.77
C LEU C 115 13.66 13.99 -3.61
N LYS C 116 13.62 15.13 -2.96
CA LYS C 116 13.65 16.43 -3.60
C LYS C 116 14.93 16.73 -4.34
N GLY C 117 16.03 16.24 -3.81
CA GLY C 117 17.33 16.52 -4.33
C GLY C 117 17.95 17.70 -3.63
N SER C 118 19.11 18.09 -4.12
CA SER C 118 19.88 19.17 -3.53
C SER C 118 19.20 20.49 -3.84
N GLU C 119 19.24 21.40 -2.86
CA GLU C 119 18.45 22.60 -2.94
C GLU C 119 19.12 23.64 -3.83
N THR C 120 18.36 24.07 -4.82
CA THR C 120 18.74 25.18 -5.69
C THR C 120 17.77 26.35 -5.48
N THR C 121 18.05 27.49 -6.11
CA THR C 121 17.07 28.57 -6.23
C THR C 121 15.98 28.12 -7.22
N PHE C 122 14.80 28.70 -7.07
CA PHE C 122 13.66 28.42 -7.97
C PHE C 122 13.33 26.94 -8.13
N MET C 123 13.27 26.23 -7.01
CA MET C 123 12.84 24.82 -6.99
C MET C 123 11.38 24.66 -7.44
N CYS C 124 10.53 25.51 -6.88
CA CYS C 124 9.10 25.42 -7.02
C CYS C 124 8.47 26.83 -6.92
N GLU C 125 7.41 27.04 -7.67
CA GLU C 125 6.69 28.29 -7.68
C GLU C 125 5.26 27.98 -7.22
N TYR C 126 4.62 28.93 -6.55
CA TYR C 126 3.25 28.75 -6.08
C TYR C 126 2.21 29.29 -7.05
N ALA C 127 1.06 28.61 -7.06
CA ALA C 127 -0.16 29.14 -7.66
C ALA C 127 -0.65 30.41 -6.95
N ASP C 128 -1.49 31.15 -7.66
CA ASP C 128 -1.97 32.48 -7.22
C ASP C 128 -3.11 32.43 -6.23
N GLU C 129 -3.67 31.23 -6.03
CA GLU C 129 -4.70 31.03 -5.02
C GLU C 129 -4.35 29.88 -4.12
N THR C 130 -4.74 30.02 -2.86
CA THR C 130 -4.57 28.97 -1.88
C THR C 130 -5.72 28.00 -1.99
N ALA C 131 -5.69 26.91 -1.23
CA ALA C 131 -6.71 25.90 -1.32
C ALA C 131 -6.92 25.20 0.02
N THR C 132 -7.97 24.40 0.11
CA THR C 132 -8.32 23.72 1.35
C THR C 132 -7.41 22.53 1.52
N ILE C 133 -7.45 21.94 2.70
CA ILE C 133 -6.59 20.80 3.02
C ILE C 133 -6.83 19.58 2.10
N VAL C 134 -8.08 19.29 1.77
CA VAL C 134 -8.38 18.17 0.88
C VAL C 134 -7.85 18.42 -0.53
N GLU C 135 -7.99 19.63 -1.05
CA GLU C 135 -7.43 19.92 -2.38
C GLU C 135 -5.89 19.84 -2.32
N PHE C 136 -5.31 20.33 -1.24
CA PHE C 136 -3.88 20.23 -1.01
C PHE C 136 -3.37 18.79 -0.98
N LEU C 137 -4.04 17.93 -0.23
CA LEU C 137 -3.59 16.56 -0.08
C LEU C 137 -3.78 15.84 -1.39
N ASN C 138 -4.95 15.97 -2.02
CA ASN C 138 -5.17 15.34 -3.34
C ASN C 138 -4.15 15.79 -4.39
N ARG C 139 -3.69 17.03 -4.32
CA ARG C 139 -2.72 17.53 -5.30
C ARG C 139 -1.39 16.80 -5.16
N TRP C 140 -0.93 16.66 -3.92
CA TRP C 140 0.31 15.99 -3.66
C TRP C 140 0.21 14.47 -3.82
N ILE C 141 -0.92 13.89 -3.48
CA ILE C 141 -1.21 12.51 -3.85
C ILE C 141 -1.11 12.31 -5.38
N THR C 142 -1.74 13.21 -6.14
CA THR C 142 -1.73 13.09 -7.61
C THR C 142 -0.29 13.20 -8.12
N PHE C 143 0.49 14.09 -7.51
CA PHE C 143 1.89 14.24 -7.88
C PHE C 143 2.69 12.92 -7.73
N ALA C 144 2.59 12.29 -6.56
CA ALA C 144 3.35 11.08 -6.30
C ALA C 144 2.94 9.98 -7.25
N GLN C 145 1.63 9.84 -7.45
CA GLN C 145 1.08 8.86 -8.37
C GLN C 145 1.61 9.03 -9.79
N SER C 146 1.73 10.28 -10.22
CA SER C 146 2.24 10.61 -11.55
C SER C 146 3.69 10.20 -11.76
N ILE C 147 4.54 10.32 -10.74
CA ILE C 147 5.93 9.91 -10.87
C ILE C 147 6.02 8.38 -10.74
N ILE C 148 5.30 7.81 -9.77
CA ILE C 148 5.29 6.36 -9.54
C ILE C 148 4.96 5.57 -10.83
N SER C 149 4.02 6.07 -11.63
CA SER C 149 3.60 5.36 -12.83
C SER C 149 4.63 5.38 -13.95
N THR C 150 5.48 6.41 -14.02
CA THR C 150 6.58 6.47 -15.01
C THR C 150 7.77 5.62 -14.60
N LEU C 151 7.98 5.44 -13.29
CA LEU C 151 9.08 4.60 -12.79
C LEU C 151 8.81 3.08 -12.89
N THR C 152 7.54 2.70 -12.95
CA THR C 152 7.17 1.33 -13.30
C THR C 152 7.64 1.13 -14.78
C1 NAG D . 24.78 11.25 19.01
C2 NAG D . 24.96 12.70 19.46
C3 NAG D . 26.01 13.43 18.62
C4 NAG D . 27.32 12.66 18.57
C5 NAG D . 27.03 11.23 18.12
C6 NAG D . 28.33 10.42 18.06
C7 NAG D . 22.90 13.57 20.48
C8 NAG D . 21.58 14.24 20.19
N2 NAG D . 23.67 13.36 19.40
O3 NAG D . 26.30 14.73 19.16
O4 NAG D . 28.19 13.32 17.63
O5 NAG D . 26.05 10.60 18.99
O6 NAG D . 28.53 9.99 19.39
O7 NAG D . 23.21 13.23 21.62
C1 NAG D . 29.32 13.99 18.23
C2 NAG D . 30.44 14.01 17.18
C3 NAG D . 31.61 14.89 17.56
C4 NAG D . 31.20 16.29 17.98
C5 NAG D . 29.98 16.31 18.92
C6 NAG D . 29.28 17.64 18.64
C7 NAG D . 30.98 12.10 15.72
C8 NAG D . 31.54 10.70 15.68
N2 NAG D . 30.95 12.67 16.93
O3 NAG D . 32.41 15.04 16.38
O4 NAG D . 32.34 16.98 18.54
O5 NAG D . 28.97 15.28 18.75
O6 NAG D . 28.29 17.86 19.63
O7 NAG D . 30.59 12.64 14.71
C1 FUC D . 29.83 9.70 19.86
C2 FUC D . 29.53 9.41 21.32
C3 FUC D . 30.83 9.23 22.03
C4 FUC D . 31.67 10.51 21.89
C5 FUC D . 31.91 10.78 20.41
C6 FUC D . 32.74 12.05 20.19
O2 FUC D . 28.73 8.24 21.50
O3 FUC D . 30.60 8.83 23.37
O4 FUC D . 30.99 11.58 22.47
O5 FUC D . 30.66 10.86 19.71
C1 NAG E . 11.01 -4.92 21.54
C2 NAG E . 9.82 -5.36 22.39
C3 NAG E . 10.27 -6.43 23.36
C4 NAG E . 10.86 -7.62 22.61
C5 NAG E . 11.91 -7.11 21.64
C6 NAG E . 12.50 -8.21 20.81
C7 NAG E . 8.16 -3.60 22.54
C8 NAG E . 7.56 -2.56 23.44
N2 NAG E . 9.14 -4.31 23.12
O3 NAG E . 9.09 -6.77 24.05
O4 NAG E . 11.56 -8.45 23.54
O5 NAG E . 11.44 -6.07 20.80
O6 NAG E . 11.47 -8.82 20.06
O7 NAG E . 7.78 -3.73 21.35
C1 NAG E . 11.21 -9.84 23.54
C2 NAG E . 12.31 -10.50 24.35
C3 NAG E . 12.04 -11.98 24.61
C4 NAG E . 10.62 -12.24 25.14
C5 NAG E . 9.60 -11.46 24.30
C6 NAG E . 8.19 -11.55 24.93
C7 NAG E . 14.55 -9.52 24.12
C8 NAG E . 15.84 -9.54 23.36
N2 NAG E . 13.61 -10.36 23.69
O3 NAG E . 13.00 -12.41 25.59
O4 NAG E . 10.35 -13.65 25.18
O5 NAG E . 9.97 -10.07 24.21
O6 NAG E . 8.05 -10.64 26.05
O7 NAG E . 14.39 -8.76 25.05
C1 FUC E . 12.05 -9.43 18.90
C2 FUC E . 10.94 -10.24 18.24
C3 FUC E . 9.87 -9.32 17.71
C4 FUC E . 10.48 -8.28 16.79
C5 FUC E . 11.63 -7.55 17.49
C6 FUC E . 12.32 -6.60 16.55
O2 FUC E . 10.36 -11.09 19.22
O3 FUC E . 8.93 -10.10 16.98
O4 FUC E . 10.94 -8.89 15.58
O5 FUC E . 12.59 -8.47 17.99
C1 NAG F . -12.97 -16.67 8.13
C2 NAG F . -13.77 -16.49 6.84
C3 NAG F . -13.39 -15.13 6.31
C4 NAG F . -13.79 -14.02 7.27
C5 NAG F . -13.45 -14.22 8.77
C6 NAG F . -14.60 -13.73 9.70
C7 NAG F . -14.26 -18.27 5.14
C8 NAG F . -13.68 -19.24 4.14
N2 NAG F . -13.41 -17.49 5.85
O3 NAG F . -13.99 -14.93 5.04
O4 NAG F . -13.15 -12.84 6.79
O5 NAG F . -13.18 -15.61 9.10
O6 NAG F . -14.26 -12.80 10.75
O7 NAG F . -15.45 -18.20 5.30
C1 NAG F . -14.03 -11.72 6.86
C2 NAG F . -13.23 -10.44 6.73
C3 NAG F . -14.16 -9.24 6.79
C4 NAG F . -15.25 -9.36 5.71
C5 NAG F . -15.98 -10.72 5.89
C6 NAG F . -17.02 -11.00 4.81
C7 NAG F . -10.90 -10.52 7.53
C8 NAG F . -9.95 -10.38 8.68
N2 NAG F . -12.22 -10.34 7.77
O3 NAG F . -13.39 -8.06 6.60
O4 NAG F . -16.14 -8.22 5.78
O5 NAG F . -15.02 -11.80 5.83
O6 NAG F . -17.31 -12.41 4.82
O7 NAG F . -10.47 -10.79 6.42
C1 NAG G . -27.31 14.83 -35.36
C2 NAG G . -28.45 15.19 -36.33
C3 NAG G . -28.68 14.07 -37.36
C4 NAG G . -27.37 13.75 -38.11
C5 NAG G . -26.28 13.35 -37.08
C6 NAG G . -24.94 13.09 -37.78
C7 NAG G . -30.08 16.59 -35.05
C8 NAG G . -31.39 16.58 -34.30
N2 NAG G . -29.68 15.41 -35.57
O3 NAG G . -29.72 14.43 -38.27
O4 NAG G . -27.55 12.71 -39.10
O5 NAG G . -26.13 14.33 -36.04
O6 NAG G . -23.84 13.86 -37.26
O7 NAG G . -29.45 17.63 -35.15
C1 FUC G . -23.91 15.25 -37.61
C2 FUC G . -23.02 16.10 -36.67
C3 FUC G . -21.72 16.57 -37.28
C4 FUC G . -21.95 16.99 -38.72
C5 FUC G . -22.41 15.74 -39.48
C6 FUC G . -22.49 15.92 -41.00
O2 FUC G . -22.62 15.38 -35.50
O3 FUC G . -21.27 17.68 -36.49
O4 FUC G . -22.92 18.06 -38.74
O5 FUC G . -23.70 15.36 -39.03
C1 MAN H . 11.57 -16.84 7.21
C2 MAN H . 12.60 -16.42 6.18
C3 MAN H . 13.98 -16.99 6.53
C4 MAN H . 13.94 -18.52 6.52
C5 MAN H . 12.69 -19.16 7.13
C6 MAN H . 13.03 -19.93 8.42
O2 MAN H . 12.63 -14.99 6.21
O3 MAN H . 14.38 -16.51 7.82
O4 MAN H . 13.96 -18.93 5.15
O5 MAN H . 11.61 -18.28 7.44
O6 MAN H . 13.17 -19.04 9.53
S SO4 I . 12.90 14.08 15.10
O1 SO4 I . 12.06 15.13 15.73
O2 SO4 I . 12.27 13.65 13.83
O3 SO4 I . 14.27 14.64 14.90
O4 SO4 I . 12.94 12.91 16.01
S SO4 J . 6.27 8.80 21.91
O1 SO4 J . 5.27 9.33 22.85
O2 SO4 J . 5.75 8.76 20.51
O3 SO4 J . 6.53 7.43 22.35
O4 SO4 J . 7.54 9.59 21.97
N CYS K . -17.30 -23.17 7.71
CA CYS K . -16.22 -22.28 8.25
C CYS K . -16.39 -20.85 7.72
O CYS K . -16.94 -20.64 6.63
CB CYS K . -14.81 -22.85 7.92
SG CYS K . -14.03 -22.19 6.42
OXT CYS K . -16.04 -19.86 8.37
C1 NAG L . -16.40 3.03 -25.92
C2 NAG L . -17.16 1.69 -25.87
C3 NAG L . -16.49 0.72 -26.86
C4 NAG L . -16.66 1.28 -28.29
C5 NAG L . -16.29 2.78 -28.37
C6 NAG L . -16.87 3.41 -29.64
C7 NAG L . -16.55 0.69 -23.65
C8 NAG L . -17.16 0.28 -22.33
N2 NAG L . -17.42 1.21 -24.50
O3 NAG L . -17.06 -0.59 -26.82
O4 NAG L . -15.84 0.56 -29.24
O5 NAG L . -16.68 3.59 -27.22
O6 NAG L . -18.28 3.60 -29.46
O7 NAG L . -15.37 0.54 -23.88
C1 NAG M . -2.20 -14.26 -22.36
C2 NAG M . -1.35 -13.00 -22.56
C3 NAG M . -1.02 -12.71 -24.04
C4 NAG M . -0.55 -13.97 -24.79
C5 NAG M . -1.56 -15.11 -24.56
C6 NAG M . -1.27 -16.41 -25.36
C7 NAG M . -1.42 -10.98 -21.13
C8 NAG M . -2.26 -9.85 -20.65
N2 NAG M . -2.02 -11.83 -21.98
O3 NAG M . 0.01 -11.71 -24.04
O4 NAG M . -0.37 -13.68 -26.19
O5 NAG M . -1.65 -15.36 -23.13
O6 NAG M . -0.25 -17.27 -24.79
O7 NAG M . -0.27 -11.09 -20.76
S SO4 N . -8.65 -15.54 -20.81
O1 SO4 N . -9.00 -14.42 -21.71
O2 SO4 N . -8.98 -15.18 -19.42
O3 SO4 N . -7.19 -15.81 -20.89
O4 SO4 N . -9.45 -16.73 -21.21
S SO4 O . 10.26 24.18 -13.76
O1 SO4 O . 10.18 24.37 -12.28
O2 SO4 O . 9.20 24.99 -14.41
O3 SO4 O . 10.05 22.76 -14.11
O4 SO4 O . 11.59 24.63 -14.23
#